data_6XCG
#
_entry.id   6XCG
#
_cell.length_a   49.566
_cell.length_b   49.978
_cell.length_c   51.179
_cell.angle_alpha   91.350
_cell.angle_beta   91.880
_cell.angle_gamma   118.270
#
_symmetry.space_group_name_H-M   'P 1'
#
loop_
_entity.id
_entity.type
_entity.pdbx_description
1 polymer 'Histone-lysine N-methyltransferase NSD2'
2 non-polymer N-cyclopropyl-3-oxo-N-({4-[(pyrimidin-4-yl)carbamoyl]phenyl}methyl)-3,4-dihydro-2H-1,4-benzoxazine-7-carboxamide
3 non-polymer 'UNKNOWN ATOM OR ION'
4 water water
#
_entity_poly.entity_id   1
_entity_poly.type   'polypeptide(L)'
_entity_poly.pdbx_seq_one_letter_code
;GGRDKDHLLKYNVGDLVWSKVSGYPWWPCMVSADPLLHSYTKLKGQKKSARQYHVQFFGDAPERAWIFEKSLVAFEGEGQ
FEKLCQESAKQAPTKAEKIKLLKPISGKLRAQWEMGIVQAEEAASMSVEERKAKFTFLYVG
;
_entity_poly.pdbx_strand_id   A,B,C
#
loop_
_chem_comp.id
_chem_comp.type
_chem_comp.name
_chem_comp.formula
UNX non-polymer 'UNKNOWN ATOM OR ION' ?
V01 non-polymer N-cyclopropyl-3-oxo-N-({4-[(pyrimidin-4-yl)carbamoyl]phenyl}methyl)-3,4-dihydro-2H-1,4-benzoxazine-7-carboxamide 'C24 H21 N5 O4'
#
# COMPACT_ATOMS: atom_id res chain seq x y z
N LEU A 9 -19.53 13.39 14.64
CA LEU A 9 -19.09 11.98 14.98
C LEU A 9 -19.46 11.02 13.84
N LYS A 10 -18.55 10.13 13.43
CA LYS A 10 -18.78 9.21 12.28
C LYS A 10 -19.83 8.15 12.65
N TYR A 11 -19.87 7.73 13.89
CA TYR A 11 -20.71 6.59 14.32
C TYR A 11 -21.57 6.99 15.51
N ASN A 12 -22.65 6.24 15.68
CA ASN A 12 -23.56 6.29 16.85
C ASN A 12 -23.89 4.84 17.25
N VAL A 13 -24.45 4.70 18.44
CA VAL A 13 -24.91 3.42 19.02
C VAL A 13 -25.80 2.70 18.00
N GLY A 14 -25.48 1.45 17.69
CA GLY A 14 -26.26 0.63 16.75
C GLY A 14 -25.65 0.59 15.39
N ASP A 15 -24.72 1.53 15.10
CA ASP A 15 -24.00 1.47 13.81
C ASP A 15 -23.12 0.22 13.79
N LEU A 16 -23.04 -0.38 12.61
CA LEU A 16 -22.25 -1.60 12.35
C LEU A 16 -20.90 -1.24 11.75
N VAL A 17 -19.85 -1.83 12.32
CA VAL A 17 -18.44 -1.52 11.92
C VAL A 17 -17.64 -2.81 11.94
N TRP A 18 -16.69 -2.90 11.06
CA TRP A 18 -15.54 -3.82 11.20
C TRP A 18 -14.53 -3.19 12.13
N SER A 19 -13.95 -3.99 13.03
CA SER A 19 -12.87 -3.60 13.97
C SER A 19 -11.66 -4.48 13.72
N LYS A 20 -10.46 -3.87 13.67
CA LYS A 20 -9.21 -4.62 13.49
C LYS A 20 -8.43 -4.55 14.82
N VAL A 21 -8.14 -5.73 15.34
CA VAL A 21 -7.31 -5.88 16.56
C VAL A 21 -6.14 -6.77 16.18
N SER A 22 -4.93 -6.39 16.59
CA SER A 22 -3.75 -7.22 16.33
C SER A 22 -4.01 -8.63 16.87
N GLY A 23 -3.77 -9.63 16.02
CA GLY A 23 -3.90 -11.05 16.39
C GLY A 23 -5.24 -11.62 15.95
N TYR A 24 -6.11 -10.81 15.33
CA TYR A 24 -7.46 -11.24 14.93
C TYR A 24 -7.80 -10.71 13.57
N PRO A 25 -8.69 -11.40 12.81
CA PRO A 25 -9.14 -10.90 11.53
C PRO A 25 -10.03 -9.68 11.75
N TRP A 26 -10.22 -8.85 10.73
CA TRP A 26 -11.28 -7.82 10.75
C TRP A 26 -12.56 -8.47 11.26
N TRP A 27 -13.19 -7.87 12.26
CA TRP A 27 -14.29 -8.57 12.97
C TRP A 27 -15.55 -7.70 12.94
N PRO A 28 -16.73 -8.27 12.63
CA PRO A 28 -17.96 -7.50 12.64
C PRO A 28 -18.40 -7.09 14.05
N CYS A 29 -18.81 -5.83 14.20
CA CYS A 29 -19.14 -5.18 15.49
C CYS A 29 -20.35 -4.28 15.38
N MET A 30 -20.92 -3.97 16.55
CA MET A 30 -21.97 -2.96 16.70
C MET A 30 -21.48 -1.95 17.73
N VAL A 31 -21.53 -0.67 17.37
CA VAL A 31 -21.20 0.41 18.33
C VAL A 31 -22.23 0.39 19.47
N SER A 32 -21.76 0.43 20.71
CA SER A 32 -22.67 0.39 21.88
C SER A 32 -22.17 1.33 22.98
N ALA A 33 -23.04 1.63 23.94
CA ALA A 33 -22.66 2.38 25.15
C ALA A 33 -21.90 1.43 26.10
N ASP A 34 -20.80 1.91 26.61
CA ASP A 34 -20.10 1.26 27.74
C ASP A 34 -21.07 1.28 28.92
N PRO A 35 -21.29 0.14 29.59
CA PRO A 35 -22.32 0.04 30.64
C PRO A 35 -21.95 0.77 31.94
N LEU A 36 -20.70 1.18 32.08
CA LEU A 36 -20.25 2.00 33.23
C LEU A 36 -20.13 3.46 32.82
N LEU A 37 -19.45 3.74 31.71
CA LEU A 37 -19.14 5.15 31.33
C LEU A 37 -20.37 5.85 30.81
N HIS A 38 -21.36 5.11 30.32
CA HIS A 38 -22.59 5.67 29.68
C HIS A 38 -22.19 6.55 28.49
N SER A 39 -21.21 6.08 27.72
CA SER A 39 -20.62 6.77 26.56
C SER A 39 -20.28 5.72 25.52
N TYR A 40 -20.35 6.09 24.25
CA TYR A 40 -20.01 5.17 23.13
C TYR A 40 -18.81 5.71 22.36
N THR A 41 -18.35 6.92 22.66
CA THR A 41 -17.13 7.49 22.02
C THR A 41 -16.37 8.30 23.07
N LYS A 42 -15.05 8.32 22.95
CA LYS A 42 -14.18 9.20 23.79
C LYS A 42 -12.85 9.39 23.11
N LEU A 43 -12.10 10.38 23.57
CA LEU A 43 -10.73 10.66 23.12
C LEU A 43 -9.76 10.03 24.12
N LYS A 44 -8.94 9.05 23.71
CA LYS A 44 -7.92 8.44 24.60
C LYS A 44 -6.96 9.57 25.02
N GLY A 45 -6.72 9.74 26.31
CA GLY A 45 -5.79 10.75 26.82
C GLY A 45 -6.24 12.17 26.50
N GLN A 46 -7.53 12.34 26.15
CA GLN A 46 -8.15 13.62 25.69
C GLN A 46 -7.38 14.17 24.49
N LYS A 47 -6.73 13.30 23.71
CA LYS A 47 -6.01 13.69 22.48
C LYS A 47 -7.00 13.67 21.31
N LYS A 48 -7.07 14.75 20.54
CA LYS A 48 -8.05 14.87 19.43
C LYS A 48 -7.73 13.81 18.34
N SER A 49 -6.49 13.34 18.28
CA SER A 49 -6.00 12.32 17.31
C SER A 49 -6.37 10.89 17.72
N ALA A 50 -6.96 10.69 18.92
CA ALA A 50 -7.11 9.34 19.51
C ALA A 50 -8.59 9.02 19.82
N ARG A 51 -9.51 9.34 18.95
CA ARG A 51 -10.93 9.02 19.25
C ARG A 51 -11.09 7.51 19.24
N GLN A 52 -11.82 7.00 20.23
CA GLN A 52 -12.20 5.57 20.31
C GLN A 52 -13.72 5.47 20.27
N TYR A 53 -14.20 4.30 19.86
CA TYR A 53 -15.62 3.92 19.96
C TYR A 53 -15.70 2.62 20.73
N HIS A 54 -16.74 2.50 21.55
CA HIS A 54 -17.08 1.25 22.29
C HIS A 54 -17.86 0.34 21.35
N VAL A 55 -17.44 -0.91 21.22
CA VAL A 55 -18.05 -1.87 20.27
C VAL A 55 -18.32 -3.20 20.96
N GLN A 56 -19.41 -3.85 20.53
CA GLN A 56 -19.66 -5.28 20.75
C GLN A 56 -19.12 -6.06 19.57
N PHE A 57 -18.33 -7.10 19.80
CA PHE A 57 -17.94 -8.08 18.75
C PHE A 57 -19.08 -9.09 18.57
N PHE A 58 -19.63 -9.21 17.38
CA PHE A 58 -20.68 -10.24 17.13
C PHE A 58 -20.07 -11.64 17.19
N GLY A 59 -20.91 -12.64 17.49
CA GLY A 59 -20.50 -14.05 17.59
C GLY A 59 -21.00 -14.69 18.88
N ASP A 60 -20.75 -15.98 19.07
CA ASP A 60 -21.37 -16.72 20.20
C ASP A 60 -20.54 -16.63 21.46
N ALA A 61 -19.40 -15.92 21.46
CA ALA A 61 -18.55 -15.71 22.66
C ALA A 61 -18.34 -14.22 22.88
N PRO A 62 -19.40 -13.52 23.35
CA PRO A 62 -19.42 -12.06 23.40
C PRO A 62 -18.18 -11.46 24.04
N GLU A 63 -17.70 -10.39 23.42
N GLU A 63 -17.68 -10.40 23.41
CA GLU A 63 -16.67 -9.47 23.97
CA GLU A 63 -16.71 -9.46 24.02
C GLU A 63 -17.06 -8.05 23.57
C GLU A 63 -17.07 -8.05 23.58
N ARG A 64 -16.61 -7.06 24.34
CA ARG A 64 -16.66 -5.65 23.95
C ARG A 64 -15.25 -5.06 24.04
N ALA A 65 -15.05 -3.88 23.47
CA ALA A 65 -13.76 -3.17 23.56
C ALA A 65 -13.97 -1.71 23.23
N TRP A 66 -13.06 -0.87 23.71
CA TRP A 66 -12.83 0.46 23.12
C TRP A 66 -11.80 0.33 22.00
N ILE A 67 -12.19 0.73 20.80
CA ILE A 67 -11.34 0.58 19.58
C ILE A 67 -11.10 1.96 18.98
N PHE A 68 -9.87 2.23 18.58
CA PHE A 68 -9.57 3.50 17.88
C PHE A 68 -10.36 3.57 16.58
N GLU A 69 -10.94 4.73 16.33
CA GLU A 69 -11.66 5.01 15.07
C GLU A 69 -10.75 4.68 13.86
N LYS A 70 -9.42 4.86 13.95
CA LYS A 70 -8.49 4.55 12.83
C LYS A 70 -8.53 3.06 12.47
N SER A 71 -9.06 2.23 13.36
CA SER A 71 -9.14 0.74 13.17
C SER A 71 -10.59 0.27 12.96
N LEU A 72 -11.52 1.19 12.59
CA LEU A 72 -12.92 0.89 12.23
C LEU A 72 -13.15 1.18 10.76
N VAL A 73 -14.01 0.35 10.16
CA VAL A 73 -14.56 0.55 8.80
C VAL A 73 -16.07 0.31 8.87
N ALA A 74 -16.84 1.19 8.26
CA ALA A 74 -18.30 1.04 8.21
C ALA A 74 -18.63 -0.34 7.63
N PHE A 75 -19.55 -1.06 8.27
CA PHE A 75 -19.96 -2.43 7.85
C PHE A 75 -21.13 -2.38 6.85
N GLU A 76 -20.91 -2.97 5.68
CA GLU A 76 -21.96 -3.22 4.65
C GLU A 76 -22.29 -4.70 4.64
N GLY A 77 -21.28 -5.54 4.54
CA GLY A 77 -21.50 -7.00 4.41
C GLY A 77 -20.21 -7.78 4.32
N GLU A 78 -20.31 -9.08 4.33
CA GLU A 78 -19.15 -9.97 4.29
C GLU A 78 -18.32 -9.71 3.04
N GLY A 79 -18.94 -9.18 1.96
CA GLY A 79 -18.23 -8.94 0.69
C GLY A 79 -17.02 -8.03 0.87
N GLN A 80 -17.01 -7.23 1.93
CA GLN A 80 -15.89 -6.27 2.20
C GLN A 80 -14.64 -7.01 2.70
N PHE A 81 -14.79 -8.22 3.22
CA PHE A 81 -13.72 -8.83 4.05
C PHE A 81 -12.44 -9.04 3.23
N GLU A 82 -12.55 -9.52 1.99
CA GLU A 82 -11.35 -9.89 1.18
C GLU A 82 -10.48 -8.64 0.98
N LYS A 83 -11.09 -7.50 0.61
CA LYS A 83 -10.38 -6.22 0.38
C LYS A 83 -9.75 -5.74 1.70
N LEU A 84 -10.47 -5.87 2.82
CA LEU A 84 -9.96 -5.43 4.13
C LEU A 84 -8.66 -6.22 4.43
N CYS A 85 -8.70 -7.53 4.27
CA CYS A 85 -7.54 -8.44 4.44
C CYS A 85 -6.43 -7.96 3.48
N GLN A 86 -6.76 -7.70 2.22
CA GLN A 86 -5.72 -7.37 1.22
C GLN A 86 -5.07 -6.03 1.57
N GLU A 87 -5.86 -5.05 1.99
CA GLU A 87 -5.32 -3.70 2.27
C GLU A 87 -4.45 -3.77 3.53
N SER A 88 -4.88 -4.47 4.60
CA SER A 88 -4.05 -4.66 5.82
C SER A 88 -2.73 -5.34 5.47
N ALA A 89 -2.74 -6.34 4.61
CA ALA A 89 -1.49 -7.05 4.20
C ALA A 89 -0.57 -6.07 3.42
N LYS A 90 -1.10 -5.22 2.55
CA LYS A 90 -0.32 -4.24 1.74
C LYS A 90 0.23 -3.15 2.65
N GLN A 91 -0.46 -2.85 3.76
CA GLN A 91 -0.08 -1.71 4.65
C GLN A 91 0.93 -2.13 5.71
N ALA A 92 1.11 -3.43 5.92
CA ALA A 92 2.07 -3.96 6.91
C ALA A 92 3.45 -3.47 6.49
N PRO A 93 4.12 -2.62 7.28
CA PRO A 93 5.27 -1.86 6.76
C PRO A 93 6.51 -2.73 6.47
N THR A 94 6.69 -3.83 7.21
CA THR A 94 7.86 -4.72 7.16
C THR A 94 7.40 -6.16 6.92
N LYS A 95 8.32 -6.99 6.41
CA LYS A 95 8.16 -8.47 6.24
C LYS A 95 7.75 -9.10 7.57
N ALA A 96 8.38 -8.69 8.67
CA ALA A 96 8.13 -9.24 10.03
C ALA A 96 6.69 -8.91 10.47
N GLU A 97 6.23 -7.67 10.26
CA GLU A 97 4.88 -7.28 10.71
C GLU A 97 3.86 -8.05 9.87
N LYS A 98 4.14 -8.25 8.58
CA LYS A 98 3.21 -8.98 7.67
C LYS A 98 3.08 -10.44 8.10
N ILE A 99 4.19 -11.11 8.41
CA ILE A 99 4.17 -12.51 8.96
C ILE A 99 3.27 -12.57 10.22
N LYS A 100 3.36 -11.60 11.15
CA LYS A 100 2.49 -11.55 12.36
C LYS A 100 1.00 -11.46 11.93
N LEU A 101 0.71 -10.55 11.00
CA LEU A 101 -0.66 -10.24 10.56
C LEU A 101 -1.33 -11.48 9.94
N LEU A 102 -0.55 -12.31 9.24
CA LEU A 102 -1.10 -13.40 8.41
C LEU A 102 -1.15 -14.74 9.16
N LYS A 103 -0.82 -14.78 10.47
CA LYS A 103 -0.85 -16.05 11.24
C LYS A 103 -2.23 -16.65 11.14
N PRO A 104 -2.34 -17.99 11.01
CA PRO A 104 -3.66 -18.64 10.97
C PRO A 104 -4.41 -18.40 12.27
N ILE A 105 -5.73 -18.36 12.13
CA ILE A 105 -6.71 -18.23 13.22
C ILE A 105 -7.33 -19.61 13.43
N SER A 106 -7.50 -20.00 14.67
CA SER A 106 -8.01 -21.36 15.02
C SER A 106 -9.35 -21.63 14.32
N GLY A 107 -9.71 -22.89 14.16
CA GLY A 107 -11.08 -23.30 13.80
C GLY A 107 -12.11 -22.77 14.79
N LYS A 108 -11.81 -22.77 16.09
CA LYS A 108 -12.80 -22.32 17.11
C LYS A 108 -13.09 -20.82 16.89
N LEU A 109 -12.06 -20.01 16.66
CA LEU A 109 -12.26 -18.57 16.39
C LEU A 109 -12.92 -18.38 15.02
N ARG A 110 -12.54 -19.17 14.02
CA ARG A 110 -13.18 -19.08 12.68
C ARG A 110 -14.70 -19.27 12.84
N ALA A 111 -15.12 -20.28 13.56
CA ALA A 111 -16.58 -20.55 13.72
C ALA A 111 -17.25 -19.36 14.45
N GLN A 112 -16.56 -18.77 15.44
CA GLN A 112 -17.11 -17.58 16.15
C GLN A 112 -17.27 -16.41 15.19
N TRP A 113 -16.26 -16.15 14.38
CA TRP A 113 -16.25 -15.11 13.34
C TRP A 113 -17.41 -15.38 12.37
N GLU A 114 -17.51 -16.60 11.88
CA GLU A 114 -18.59 -16.95 10.90
C GLU A 114 -19.97 -16.67 11.55
N MET A 115 -20.15 -17.00 12.83
CA MET A 115 -21.44 -16.76 13.50
C MET A 115 -21.64 -15.24 13.64
N GLY A 116 -20.54 -14.54 13.93
CA GLY A 116 -20.53 -13.07 14.02
C GLY A 116 -21.00 -12.46 12.73
N ILE A 117 -20.50 -12.95 11.59
CA ILE A 117 -20.94 -12.46 10.25
C ILE A 117 -22.43 -12.69 10.07
N VAL A 118 -22.93 -13.87 10.38
CA VAL A 118 -24.40 -14.12 10.29
C VAL A 118 -25.17 -13.07 11.10
N GLN A 119 -24.78 -12.82 12.34
CA GLN A 119 -25.50 -11.87 13.21
C GLN A 119 -25.42 -10.49 12.55
N ALA A 120 -24.24 -10.08 12.08
CA ALA A 120 -24.01 -8.70 11.59
C ALA A 120 -24.84 -8.47 10.32
N GLU A 121 -24.91 -9.48 9.45
CA GLU A 121 -25.72 -9.40 8.20
C GLU A 121 -27.20 -9.34 8.59
N GLU A 122 -27.65 -10.12 9.56
CA GLU A 122 -29.04 -9.92 10.05
C GLU A 122 -29.22 -8.50 10.58
N ALA A 123 -28.31 -8.02 11.43
CA ALA A 123 -28.34 -6.66 12.03
C ALA A 123 -28.44 -5.62 10.92
N ALA A 124 -27.69 -5.78 9.83
CA ALA A 124 -27.65 -4.78 8.73
C ALA A 124 -29.04 -4.59 8.11
N SER A 125 -29.86 -5.65 8.06
CA SER A 125 -31.21 -5.69 7.43
C SER A 125 -32.26 -5.11 8.36
N MET A 126 -31.88 -4.83 9.61
CA MET A 126 -32.77 -4.38 10.69
C MET A 126 -32.62 -2.87 10.89
N SER A 127 -33.61 -2.25 11.54
CA SER A 127 -33.48 -0.85 12.01
C SER A 127 -32.40 -0.79 13.10
N VAL A 128 -31.89 0.40 13.39
CA VAL A 128 -31.00 0.66 14.54
C VAL A 128 -31.68 0.16 15.83
N GLU A 129 -32.95 0.49 16.06
CA GLU A 129 -33.63 0.12 17.33
C GLU A 129 -33.79 -1.40 17.35
N GLU A 130 -34.18 -2.03 16.24
CA GLU A 130 -34.36 -3.50 16.16
C GLU A 130 -33.03 -4.18 16.52
N ARG A 131 -31.94 -3.71 15.93
CA ARG A 131 -30.64 -4.42 16.14
C ARG A 131 -30.21 -4.16 17.60
N LYS A 132 -30.45 -2.98 18.16
CA LYS A 132 -30.12 -2.71 19.58
C LYS A 132 -30.96 -3.63 20.48
N ALA A 133 -32.25 -3.80 20.18
CA ALA A 133 -33.13 -4.65 21.01
C ALA A 133 -32.64 -6.10 20.99
N LYS A 134 -32.18 -6.58 19.83
CA LYS A 134 -31.83 -8.01 19.65
C LYS A 134 -30.45 -8.28 20.23
N PHE A 135 -29.47 -7.39 20.00
CA PHE A 135 -28.05 -7.78 20.15
C PHE A 135 -27.39 -7.16 21.38
N THR A 136 -27.96 -6.11 21.99
CA THR A 136 -27.30 -5.46 23.15
C THR A 136 -27.03 -6.51 24.25
N PHE A 137 -25.80 -6.55 24.72
CA PHE A 137 -25.37 -7.51 25.76
C PHE A 137 -26.07 -7.22 27.07
N LEU A 138 -26.12 -8.22 27.95
CA LEU A 138 -26.41 -8.08 29.39
C LEU A 138 -25.10 -8.04 30.16
N TYR A 139 -24.99 -7.10 31.07
CA TYR A 139 -23.85 -6.99 32.02
C TYR A 139 -24.36 -7.17 33.45
N VAL A 140 -23.52 -7.77 34.28
CA VAL A 140 -23.84 -8.11 35.69
C VAL A 140 -22.82 -7.48 36.63
N GLY A 141 -22.18 -6.41 36.18
CA GLY A 141 -21.24 -5.62 37.01
C GLY A 141 -19.96 -5.29 36.28
N LEU B 9 -5.42 5.04 -18.99
CA LEU B 9 -4.85 5.98 -17.94
C LEU B 9 -5.20 5.46 -16.56
N LYS B 10 -4.22 5.42 -15.66
CA LYS B 10 -4.40 4.91 -14.27
C LYS B 10 -5.41 5.76 -13.49
N TYR B 11 -5.37 7.09 -13.69
CA TYR B 11 -6.16 8.05 -12.90
C TYR B 11 -7.02 8.91 -13.81
N ASN B 12 -8.11 9.38 -13.21
CA ASN B 12 -9.04 10.36 -13.79
C ASN B 12 -9.37 11.38 -12.71
N VAL B 13 -10.08 12.42 -13.12
CA VAL B 13 -10.50 13.50 -12.21
C VAL B 13 -11.34 12.90 -11.08
N GLY B 14 -10.99 13.24 -9.85
CA GLY B 14 -11.73 12.80 -8.66
C GLY B 14 -11.08 11.60 -7.96
N ASP B 15 -10.11 10.96 -8.60
CA ASP B 15 -9.41 9.81 -7.99
C ASP B 15 -8.53 10.32 -6.86
N LEU B 16 -8.40 9.54 -5.79
CA LEU B 16 -7.60 9.94 -4.62
C LEU B 16 -6.20 9.31 -4.70
N VAL B 17 -5.16 10.13 -4.48
CA VAL B 17 -3.75 9.72 -4.61
C VAL B 17 -2.98 10.33 -3.44
N TRP B 18 -1.95 9.64 -3.01
CA TRP B 18 -0.85 10.28 -2.27
C TRP B 18 0.17 10.86 -3.24
N SER B 19 0.65 12.08 -2.98
CA SER B 19 1.70 12.75 -3.77
C SER B 19 2.92 12.94 -2.88
N LYS B 20 4.10 12.65 -3.42
CA LYS B 20 5.37 12.97 -2.72
C LYS B 20 6.07 14.13 -3.43
N VAL B 21 6.27 15.22 -2.68
CA VAL B 21 7.01 16.43 -3.10
C VAL B 21 8.22 16.58 -2.17
N SER B 22 9.41 16.79 -2.73
CA SER B 22 10.62 16.96 -1.88
C SER B 22 10.34 18.10 -0.90
N GLY B 23 10.65 17.90 0.37
CA GLY B 23 10.44 18.90 1.44
C GLY B 23 9.14 18.69 2.20
N TYR B 24 8.32 17.72 1.78
CA TYR B 24 6.98 17.47 2.37
C TYR B 24 6.74 16.00 2.58
N PRO B 25 5.94 15.61 3.60
CA PRO B 25 5.56 14.22 3.78
C PRO B 25 4.65 13.81 2.61
N TRP B 26 4.54 12.51 2.36
CA TRP B 26 3.50 11.98 1.44
C TRP B 26 2.16 12.62 1.81
N TRP B 27 1.46 13.20 0.84
CA TRP B 27 0.35 14.12 1.09
C TRP B 27 -0.90 13.64 0.39
N PRO B 28 -2.06 13.59 1.08
CA PRO B 28 -3.30 13.15 0.44
C PRO B 28 -3.84 14.18 -0.58
N CYS B 29 -4.19 13.71 -1.78
CA CYS B 29 -4.58 14.56 -2.94
C CYS B 29 -5.78 13.97 -3.70
N MET B 30 -6.43 14.83 -4.50
CA MET B 30 -7.46 14.44 -5.47
C MET B 30 -7.03 14.91 -6.85
N VAL B 31 -7.03 14.00 -7.81
CA VAL B 31 -6.72 14.37 -9.22
C VAL B 31 -7.81 15.35 -9.71
N SER B 32 -7.40 16.45 -10.34
CA SER B 32 -8.34 17.48 -10.83
C SER B 32 -7.84 18.06 -12.14
N ALA B 33 -8.69 18.80 -12.81
CA ALA B 33 -8.35 19.56 -14.02
C ALA B 33 -7.59 20.82 -13.62
N ASP B 34 -6.48 21.07 -14.27
CA ASP B 34 -5.78 22.37 -14.16
C ASP B 34 -6.74 23.44 -14.68
N PRO B 35 -7.01 24.51 -13.91
CA PRO B 35 -8.04 25.49 -14.30
C PRO B 35 -7.62 26.42 -15.45
N LEU B 36 -6.33 26.45 -15.74
CA LEU B 36 -5.77 27.29 -16.83
C LEU B 36 -5.62 26.44 -18.08
N LEU B 37 -5.15 25.20 -17.94
CA LEU B 37 -4.84 24.31 -19.10
C LEU B 37 -6.04 23.43 -19.50
N HIS B 38 -7.01 23.25 -18.61
CA HIS B 38 -8.21 22.40 -18.85
C HIS B 38 -7.76 20.98 -19.22
N SER B 39 -6.72 20.50 -18.52
CA SER B 39 -6.20 19.12 -18.61
C SER B 39 -5.92 18.62 -17.18
N TYR B 40 -6.05 17.32 -16.98
CA TYR B 40 -5.73 16.68 -15.68
C TYR B 40 -4.53 15.74 -15.82
N THR B 41 -4.08 15.47 -17.03
CA THR B 41 -2.92 14.59 -17.28
C THR B 41 -2.21 15.06 -18.56
N LYS B 42 -0.91 14.82 -18.62
CA LYS B 42 -0.03 15.22 -19.76
C LYS B 42 1.24 14.36 -19.69
N LEU B 43 1.91 14.17 -20.84
CA LEU B 43 3.26 13.57 -20.89
C LEU B 43 4.29 14.70 -21.02
N LYS B 44 5.21 14.80 -20.05
CA LYS B 44 6.39 15.70 -20.11
C LYS B 44 7.25 15.28 -21.32
N GLY B 45 7.47 16.20 -22.28
CA GLY B 45 8.24 15.92 -23.53
C GLY B 45 7.62 14.80 -24.35
N GLN B 46 6.33 14.52 -24.16
CA GLN B 46 5.63 13.42 -24.87
C GLN B 46 6.37 12.08 -24.67
N LYS B 47 7.10 11.91 -23.56
CA LYS B 47 7.79 10.64 -23.19
C LYS B 47 6.81 9.75 -22.42
N LYS B 48 6.60 8.52 -22.90
CA LYS B 48 5.60 7.58 -22.32
C LYS B 48 5.93 7.34 -20.83
N SER B 49 7.20 7.50 -20.42
CA SER B 49 7.71 7.21 -19.05
C SER B 49 7.50 8.40 -18.08
N ALA B 50 6.99 9.55 -18.55
CA ALA B 50 7.05 10.85 -17.83
C ALA B 50 5.65 11.46 -17.66
N ARG B 51 4.63 10.63 -17.51
CA ARG B 51 3.26 11.14 -17.36
C ARG B 51 3.16 11.92 -16.04
N GLN B 52 2.50 13.07 -16.08
CA GLN B 52 2.08 13.82 -14.86
C GLN B 52 0.55 13.80 -14.74
N TYR B 53 0.07 14.02 -13.51
CA TYR B 53 -1.34 14.28 -13.21
C TYR B 53 -1.40 15.59 -12.42
N HIS B 54 -2.46 16.33 -12.63
CA HIS B 54 -2.76 17.57 -11.87
C HIS B 54 -3.52 17.16 -10.62
N VAL B 55 -3.14 17.70 -9.47
CA VAL B 55 -3.78 17.30 -8.18
C VAL B 55 -4.10 18.53 -7.37
N GLN B 56 -5.08 18.36 -6.49
CA GLN B 56 -5.35 19.24 -5.34
C GLN B 56 -4.76 18.57 -4.10
N PHE B 57 -4.07 19.33 -3.26
CA PHE B 57 -3.64 18.85 -1.92
C PHE B 57 -4.75 19.13 -0.91
N PHE B 58 -5.28 18.10 -0.26
CA PHE B 58 -6.27 18.26 0.82
C PHE B 58 -5.64 19.02 2.00
N GLY B 59 -6.50 19.66 2.78
CA GLY B 59 -6.11 20.42 3.98
C GLY B 59 -6.63 21.83 3.96
N ASP B 60 -6.38 22.57 5.04
CA ASP B 60 -7.11 23.87 5.21
C ASP B 60 -6.41 25.01 4.47
N ALA B 61 -5.27 24.78 3.79
CA ALA B 61 -4.54 25.81 3.02
C ALA B 61 -4.32 25.30 1.59
N PRO B 62 -5.39 25.32 0.77
CA PRO B 62 -5.37 24.75 -0.57
C PRO B 62 -4.12 25.08 -1.38
N GLU B 63 -3.61 24.07 -2.07
CA GLU B 63 -2.58 24.20 -3.12
C GLU B 63 -2.91 23.18 -4.21
N ARG B 64 -2.38 23.38 -5.39
CA ARG B 64 -2.46 22.42 -6.51
C ARG B 64 -1.06 22.27 -7.13
N ALA B 65 -0.83 21.17 -7.83
CA ALA B 65 0.43 20.96 -8.58
C ALA B 65 0.24 19.92 -9.68
N TRP B 66 1.13 19.95 -10.68
CA TRP B 66 1.40 18.82 -11.57
C TRP B 66 2.48 17.94 -10.94
N ILE B 67 2.15 16.67 -10.76
CA ILE B 67 3.05 15.67 -10.12
C ILE B 67 3.31 14.53 -11.10
N PHE B 68 4.55 14.05 -11.20
CA PHE B 68 4.84 12.83 -12.02
C PHE B 68 4.12 11.62 -11.41
N GLU B 69 3.56 10.73 -12.23
CA GLU B 69 2.88 9.49 -11.81
C GLU B 69 3.84 8.68 -10.93
N LYS B 70 5.16 8.77 -11.19
CA LYS B 70 6.20 8.03 -10.43
C LYS B 70 6.13 8.42 -8.96
N SER B 71 5.58 9.61 -8.69
CA SER B 71 5.52 10.23 -7.32
C SER B 71 4.09 10.20 -6.78
N LEU B 72 3.21 9.38 -7.39
CA LEU B 72 1.81 9.14 -6.96
C LEU B 72 1.62 7.69 -6.50
N VAL B 73 0.79 7.51 -5.49
CA VAL B 73 0.33 6.18 -5.01
C VAL B 73 -1.17 6.26 -4.83
N ALA B 74 -1.92 5.30 -5.37
CA ALA B 74 -3.37 5.29 -5.20
C ALA B 74 -3.68 5.36 -3.69
N PHE B 75 -4.61 6.20 -3.32
CA PHE B 75 -5.04 6.41 -1.92
C PHE B 75 -6.08 5.38 -1.47
N GLU B 76 -5.74 4.58 -0.45
CA GLU B 76 -6.69 3.67 0.22
C GLU B 76 -7.09 4.24 1.59
N GLY B 77 -6.14 4.80 2.33
CA GLY B 77 -6.41 5.26 3.71
C GLY B 77 -5.15 5.66 4.43
N GLU B 78 -5.32 6.31 5.58
CA GLU B 78 -4.19 6.76 6.44
C GLU B 78 -3.27 5.57 6.73
N GLY B 79 -3.81 4.36 6.75
CA GLY B 79 -2.99 3.17 7.10
C GLY B 79 -1.81 2.94 6.18
N GLN B 80 -1.78 3.54 4.99
CA GLN B 80 -0.63 3.39 4.06
C GLN B 80 0.55 4.26 4.49
N PHE B 81 0.32 5.30 5.28
CA PHE B 81 1.36 6.34 5.46
C PHE B 81 2.68 5.73 6.02
N GLU B 82 2.61 4.92 7.08
CA GLU B 82 3.82 4.36 7.73
C GLU B 82 4.71 3.70 6.68
N LYS B 83 4.13 2.83 5.85
CA LYS B 83 4.93 2.11 4.84
C LYS B 83 5.44 3.08 3.75
N LEU B 84 4.64 4.06 3.33
CA LEU B 84 5.14 5.06 2.33
C LEU B 84 6.39 5.74 2.91
N CYS B 85 6.34 6.15 4.15
CA CYS B 85 7.48 6.82 4.82
C CYS B 85 8.66 5.86 4.85
N GLN B 86 8.45 4.63 5.30
CA GLN B 86 9.57 3.66 5.45
C GLN B 86 10.19 3.37 4.08
N GLU B 87 9.38 3.22 3.03
CA GLU B 87 9.90 2.89 1.67
C GLU B 87 10.67 4.10 1.15
N SER B 88 10.18 5.32 1.38
CA SER B 88 10.92 6.52 0.94
C SER B 88 12.29 6.60 1.65
N ALA B 89 12.35 6.32 2.95
CA ALA B 89 13.63 6.36 3.72
C ALA B 89 14.61 5.30 3.21
N LYS B 90 14.12 4.08 2.88
CA LYS B 90 14.98 3.00 2.33
C LYS B 90 15.50 3.38 0.94
N GLN B 91 14.77 4.19 0.18
CA GLN B 91 15.12 4.50 -1.24
C GLN B 91 16.02 5.74 -1.34
N ALA B 92 16.11 6.58 -0.30
CA ALA B 92 16.98 7.77 -0.32
C ALA B 92 18.39 7.29 -0.69
N PRO B 93 18.93 7.76 -1.82
CA PRO B 93 20.10 7.11 -2.42
C PRO B 93 21.43 7.42 -1.75
N THR B 94 21.44 8.45 -0.92
CA THR B 94 22.66 8.90 -0.19
C THR B 94 22.31 9.30 1.25
N LYS B 95 23.32 9.28 2.11
CA LYS B 95 23.21 9.76 3.51
C LYS B 95 22.62 11.18 3.52
N ALA B 96 23.13 12.08 2.69
CA ALA B 96 22.68 13.48 2.59
C ALA B 96 21.20 13.52 2.20
N GLU B 97 20.82 12.74 1.19
CA GLU B 97 19.42 12.77 0.68
C GLU B 97 18.51 12.23 1.79
N LYS B 98 18.97 11.27 2.57
CA LYS B 98 18.09 10.70 3.62
C LYS B 98 17.92 11.72 4.75
N ILE B 99 18.98 12.44 5.10
CA ILE B 99 18.83 13.53 6.10
C ILE B 99 17.82 14.56 5.59
N LYS B 100 17.92 14.98 4.35
CA LYS B 100 16.98 15.96 3.75
C LYS B 100 15.54 15.40 3.86
N LEU B 101 15.36 14.13 3.51
CA LEU B 101 14.02 13.51 3.47
C LEU B 101 13.38 13.59 4.86
N LEU B 102 14.18 13.37 5.90
CA LEU B 102 13.65 13.11 7.25
C LEU B 102 13.55 14.40 8.06
N LYS B 103 13.83 15.57 7.46
CA LYS B 103 13.80 16.84 8.24
C LYS B 103 12.44 16.96 8.92
N PRO B 104 12.37 17.51 10.13
CA PRO B 104 11.10 17.69 10.78
C PRO B 104 10.23 18.70 10.03
N ILE B 105 8.94 18.47 10.11
CA ILE B 105 7.87 19.29 9.54
C ILE B 105 7.20 20.06 10.69
N SER B 106 6.88 21.32 10.45
CA SER B 106 6.32 22.21 11.48
C SER B 106 5.02 21.63 12.01
N GLY B 107 4.67 22.03 13.23
CA GLY B 107 3.33 21.73 13.75
C GLY B 107 2.23 22.30 12.85
N LYS B 108 2.45 23.48 12.31
CA LYS B 108 1.43 24.09 11.40
C LYS B 108 1.19 23.16 10.22
N LEU B 109 2.25 22.75 9.53
CA LEU B 109 2.11 21.86 8.34
C LEU B 109 1.53 20.51 8.76
N ARG B 110 1.96 19.98 9.92
CA ARG B 110 1.40 18.71 10.43
C ARG B 110 -0.11 18.82 10.55
N ALA B 111 -0.62 19.89 11.16
CA ALA B 111 -2.06 20.03 11.41
C ALA B 111 -2.79 20.16 10.07
N GLN B 112 -2.16 20.80 9.08
CA GLN B 112 -2.74 20.87 7.70
C GLN B 112 -2.84 19.50 7.06
N TRP B 113 -1.79 18.69 7.21
CA TRP B 113 -1.77 17.28 6.74
C TRP B 113 -2.89 16.49 7.45
N GLU B 114 -2.97 16.58 8.77
CA GLU B 114 -4.01 15.85 9.54
C GLU B 114 -5.40 16.26 9.02
N MET B 115 -5.63 17.55 8.85
CA MET B 115 -6.92 18.06 8.30
C MET B 115 -7.15 17.46 6.91
N GLY B 116 -6.11 17.44 6.07
CA GLY B 116 -6.20 16.84 4.73
C GLY B 116 -6.47 15.34 4.78
N ILE B 117 -5.97 14.62 5.78
CA ILE B 117 -6.28 13.17 5.87
C ILE B 117 -7.77 12.98 6.15
N VAL B 118 -8.33 13.81 7.03
CA VAL B 118 -9.76 13.70 7.40
C VAL B 118 -10.59 13.98 6.14
N GLN B 119 -10.19 14.96 5.33
CA GLN B 119 -10.92 15.30 4.09
C GLN B 119 -10.79 14.12 3.11
N ALA B 120 -9.62 13.54 2.96
CA ALA B 120 -9.36 12.46 1.99
C ALA B 120 -10.19 11.23 2.37
N GLU B 121 -10.27 10.93 3.66
CA GLU B 121 -11.01 9.74 4.15
C GLU B 121 -12.52 10.01 3.99
N GLU B 122 -12.97 11.26 4.17
CA GLU B 122 -14.38 11.61 3.86
C GLU B 122 -14.58 11.41 2.37
N ALA B 123 -13.70 11.97 1.56
CA ALA B 123 -13.81 11.89 0.08
C ALA B 123 -13.90 10.41 -0.35
N ALA B 124 -13.15 9.51 0.29
CA ALA B 124 -13.04 8.11 -0.17
C ALA B 124 -14.37 7.41 0.11
N SER B 125 -15.13 7.88 1.10
CA SER B 125 -16.44 7.33 1.53
C SER B 125 -17.57 7.77 0.59
N MET B 126 -17.25 8.69 -0.31
CA MET B 126 -18.17 9.36 -1.28
C MET B 126 -17.93 8.82 -2.67
N SER B 127 -18.89 9.00 -3.56
CA SER B 127 -18.71 8.70 -4.99
C SER B 127 -17.69 9.69 -5.60
N VAL B 128 -17.18 9.38 -6.79
CA VAL B 128 -16.34 10.31 -7.58
C VAL B 128 -17.09 11.63 -7.78
N GLU B 129 -18.33 11.61 -8.27
CA GLU B 129 -19.11 12.86 -8.48
C GLU B 129 -19.32 13.61 -7.16
N GLU B 130 -19.63 12.93 -6.05
CA GLU B 130 -19.84 13.60 -4.75
C GLU B 130 -18.53 14.30 -4.33
N ARG B 131 -17.39 13.63 -4.45
CA ARG B 131 -16.14 14.20 -3.90
C ARG B 131 -15.72 15.39 -4.78
N LYS B 132 -15.91 15.31 -6.09
CA LYS B 132 -15.62 16.47 -7.01
C LYS B 132 -16.55 17.63 -6.63
N ALA B 133 -17.83 17.37 -6.41
CA ALA B 133 -18.77 18.44 -6.04
C ALA B 133 -18.31 19.11 -4.75
N LYS B 134 -17.88 18.33 -3.74
CA LYS B 134 -17.58 18.88 -2.41
C LYS B 134 -16.23 19.61 -2.44
N PHE B 135 -15.21 19.01 -3.02
CA PHE B 135 -13.79 19.37 -2.70
C PHE B 135 -13.11 20.17 -3.81
N THR B 136 -13.69 20.25 -5.00
CA THR B 136 -13.06 21.02 -6.09
C THR B 136 -12.93 22.49 -5.66
N PHE B 137 -11.73 23.05 -5.85
CA PHE B 137 -11.40 24.45 -5.51
C PHE B 137 -12.12 25.42 -6.42
N LEU B 138 -12.23 26.67 -5.94
CA LEU B 138 -12.55 27.86 -6.77
C LEU B 138 -11.26 28.59 -7.12
N TYR B 139 -11.15 28.99 -8.38
CA TYR B 139 -10.00 29.73 -8.93
C TYR B 139 -10.44 31.10 -9.43
N VAL B 140 -9.47 32.01 -9.56
CA VAL B 140 -9.71 33.42 -9.94
C VAL B 140 -8.68 33.81 -10.99
N GLY B 141 -8.05 32.83 -11.67
CA GLY B 141 -7.06 33.07 -12.73
C GLY B 141 -5.75 32.35 -12.54
N LEU C 9 13.77 -19.59 4.04
CA LEU C 9 14.07 -19.05 2.66
C LEU C 9 13.50 -17.64 2.54
N LYS C 10 14.32 -16.69 2.10
CA LYS C 10 13.94 -15.26 1.93
C LYS C 10 12.88 -15.09 0.81
N TYR C 11 12.95 -15.88 -0.27
CA TYR C 11 12.05 -15.72 -1.42
C TYR C 11 11.33 -17.03 -1.74
N ASN C 12 10.19 -16.88 -2.42
CA ASN C 12 9.35 -17.97 -2.93
C ASN C 12 8.94 -17.60 -4.35
N VAL C 13 8.42 -18.57 -5.07
CA VAL C 13 7.94 -18.40 -6.46
C VAL C 13 6.91 -17.26 -6.46
N GLY C 14 7.07 -16.30 -7.38
CA GLY C 14 6.14 -15.15 -7.55
C GLY C 14 6.64 -13.89 -6.86
N ASP C 15 7.62 -14.01 -5.98
CA ASP C 15 8.28 -12.83 -5.34
C ASP C 15 8.97 -12.02 -6.43
N LEU C 16 8.89 -10.69 -6.29
CA LEU C 16 9.55 -9.74 -7.20
C LEU C 16 10.89 -9.33 -6.60
N VAL C 17 11.93 -9.41 -7.41
CA VAL C 17 13.31 -9.03 -6.98
C VAL C 17 13.97 -8.23 -8.07
N TRP C 18 14.90 -7.38 -7.67
CA TRP C 18 15.97 -6.87 -8.57
C TRP C 18 17.10 -7.88 -8.61
N SER C 19 17.66 -8.13 -9.81
CA SER C 19 18.82 -9.04 -10.02
C SER C 19 19.95 -8.22 -10.63
N LYS C 20 21.16 -8.36 -10.07
CA LYS C 20 22.36 -7.71 -10.65
C LYS C 20 23.19 -8.78 -11.35
N VAL C 21 23.34 -8.65 -12.66
CA VAL C 21 24.21 -9.51 -13.49
C VAL C 21 25.34 -8.64 -14.00
N SER C 22 26.57 -9.14 -13.91
CA SER C 22 27.77 -8.50 -14.49
C SER C 22 27.49 -8.13 -15.95
N GLY C 23 27.63 -6.86 -16.28
CA GLY C 23 27.44 -6.33 -17.65
C GLY C 23 26.06 -5.76 -17.89
N TYR C 24 25.18 -5.75 -16.89
CA TYR C 24 23.77 -5.29 -17.03
C TYR C 24 23.40 -4.39 -15.87
N PRO C 25 22.41 -3.51 -16.04
CA PRO C 25 21.90 -2.73 -14.93
C PRO C 25 21.09 -3.66 -14.02
N TRP C 26 20.92 -3.27 -12.76
CA TRP C 26 19.93 -3.91 -11.87
C TRP C 26 18.63 -4.06 -12.65
N TRP C 27 18.09 -5.26 -12.64
CA TRP C 27 17.02 -5.64 -13.58
C TRP C 27 15.80 -6.19 -12.82
N PRO C 28 14.56 -5.73 -13.11
CA PRO C 28 13.38 -6.28 -12.44
C PRO C 28 13.05 -7.71 -12.87
N CYS C 29 12.74 -8.55 -11.88
CA CYS C 29 12.57 -10.01 -12.06
C CYS C 29 11.45 -10.57 -11.19
N MET C 30 10.99 -11.76 -11.57
CA MET C 30 10.09 -12.58 -10.72
C MET C 30 10.77 -13.92 -10.44
N VAL C 31 10.78 -14.35 -9.19
CA VAL C 31 11.31 -15.69 -8.82
C VAL C 31 10.35 -16.75 -9.41
N SER C 32 10.87 -17.75 -10.08
CA SER C 32 10.10 -18.81 -10.76
C SER C 32 10.82 -20.16 -10.67
N ALA C 33 10.08 -21.24 -10.87
CA ALA C 33 10.63 -22.60 -11.00
C ALA C 33 11.41 -22.70 -12.33
N ASP C 34 12.63 -23.21 -12.25
CA ASP C 34 13.37 -23.67 -13.44
C ASP C 34 12.49 -24.73 -14.11
N PRO C 35 12.16 -24.58 -15.41
CA PRO C 35 11.25 -25.54 -16.07
C PRO C 35 11.83 -26.95 -16.32
N LEU C 36 13.15 -27.07 -16.23
CA LEU C 36 13.86 -28.36 -16.46
C LEU C 36 14.15 -29.03 -15.13
N LEU C 37 14.63 -28.23 -14.17
CA LEU C 37 15.11 -28.72 -12.84
C LEU C 37 13.95 -28.88 -11.88
N HIS C 38 12.88 -28.10 -12.03
CA HIS C 38 11.67 -28.12 -11.16
C HIS C 38 11.99 -27.61 -9.75
N SER C 39 12.95 -26.69 -9.65
CA SER C 39 13.38 -26.07 -8.39
C SER C 39 13.39 -24.56 -8.61
N TYR C 40 13.15 -23.75 -7.60
CA TYR C 40 13.26 -22.27 -7.70
C TYR C 40 14.41 -21.78 -6.82
N THR C 41 15.01 -22.67 -6.03
CA THR C 41 16.14 -22.34 -5.15
C THR C 41 17.01 -23.60 -5.00
N LYS C 42 18.32 -23.37 -4.93
CA LYS C 42 19.30 -24.45 -4.68
C LYS C 42 20.59 -23.86 -4.12
N LEU C 43 21.47 -24.72 -3.63
CA LEU C 43 22.83 -24.34 -3.15
C LEU C 43 23.82 -24.64 -4.26
N LYS C 44 24.75 -23.74 -4.47
CA LYS C 44 25.86 -23.95 -5.42
C LYS C 44 27.16 -23.66 -4.69
N GLY C 45 28.05 -24.66 -4.65
CA GLY C 45 29.35 -24.58 -3.96
C GLY C 45 29.18 -24.63 -2.45
N GLN C 46 30.24 -24.22 -1.74
CA GLN C 46 30.34 -24.13 -0.25
C GLN C 46 30.66 -22.66 0.11
N SER C 49 27.13 -18.09 1.32
CA SER C 49 26.49 -17.39 0.16
C SER C 49 26.12 -18.35 -1.00
N ALA C 50 26.09 -19.65 -0.74
CA ALA C 50 25.84 -20.72 -1.74
C ALA C 50 24.42 -20.63 -2.34
N ARG C 51 23.47 -19.91 -1.72
CA ARG C 51 22.05 -20.01 -2.15
C ARG C 51 21.83 -19.19 -3.43
N GLN C 52 21.21 -19.85 -4.41
CA GLN C 52 20.74 -19.20 -5.66
C GLN C 52 19.24 -19.28 -5.72
N TYR C 53 18.63 -18.37 -6.48
CA TYR C 53 17.21 -18.43 -6.84
C TYR C 53 17.10 -18.30 -8.37
N HIS C 54 16.13 -19.00 -8.92
CA HIS C 54 15.79 -18.94 -10.35
C HIS C 54 14.86 -17.76 -10.60
N VAL C 55 15.16 -16.89 -11.60
CA VAL C 55 14.28 -15.74 -11.91
C VAL C 55 13.93 -15.68 -13.40
N GLN C 56 12.80 -15.02 -13.69
CA GLN C 56 12.44 -14.45 -14.99
C GLN C 56 12.87 -12.99 -14.96
N PHE C 57 13.49 -12.50 -16.02
CA PHE C 57 13.72 -11.06 -16.23
C PHE C 57 12.52 -10.49 -16.97
N PHE C 58 11.89 -9.47 -16.40
CA PHE C 58 10.77 -8.74 -17.04
C PHE C 58 11.31 -8.02 -18.27
N GLY C 59 10.42 -7.79 -19.24
CA GLY C 59 10.74 -7.09 -20.49
C GLY C 59 10.22 -7.87 -21.69
N ASP C 60 10.35 -7.31 -22.89
CA ASP C 60 9.66 -7.92 -24.06
C ASP C 60 10.51 -8.99 -24.75
N ALA C 61 11.69 -9.32 -24.23
CA ALA C 61 12.59 -10.38 -24.74
C ALA C 61 12.95 -11.32 -23.60
N PRO C 62 12.00 -12.20 -23.26
CA PRO C 62 12.13 -13.08 -22.10
C PRO C 62 13.48 -13.79 -21.97
N GLU C 63 14.03 -13.73 -20.76
N GLU C 63 13.99 -13.78 -20.74
CA GLU C 63 15.20 -14.56 -20.35
CA GLU C 63 15.21 -14.50 -20.33
C GLU C 63 15.00 -15.01 -18.91
C GLU C 63 14.99 -15.02 -18.91
N ARG C 64 15.75 -16.03 -18.50
CA ARG C 64 15.70 -16.56 -17.12
C ARG C 64 17.14 -16.80 -16.69
N ALA C 65 17.38 -16.92 -15.39
CA ALA C 65 18.73 -17.24 -14.88
C ALA C 65 18.64 -17.72 -13.44
N TRP C 66 19.70 -18.40 -13.01
CA TRP C 66 19.99 -18.69 -11.59
C TRP C 66 20.91 -17.59 -11.05
N ILE C 67 20.46 -16.91 -9.99
CA ILE C 67 21.15 -15.71 -9.40
C ILE C 67 21.47 -16.01 -7.92
N PHE C 68 22.70 -15.74 -7.49
CA PHE C 68 23.08 -15.85 -6.05
C PHE C 68 22.24 -14.84 -5.27
N GLU C 69 21.65 -15.28 -4.15
CA GLU C 69 20.87 -14.38 -3.26
C GLU C 69 21.63 -13.06 -2.99
N LYS C 70 22.98 -13.08 -2.86
CA LYS C 70 23.82 -11.87 -2.63
C LYS C 70 23.56 -10.81 -3.71
N SER C 71 23.07 -11.24 -4.89
CA SER C 71 22.87 -10.35 -6.05
C SER C 71 21.37 -10.10 -6.31
N LEU C 72 20.52 -10.34 -5.30
CA LEU C 72 19.06 -10.06 -5.34
C LEU C 72 18.70 -9.02 -4.28
N VAL C 73 17.76 -8.15 -4.60
CA VAL C 73 17.14 -7.17 -3.66
C VAL C 73 15.63 -7.27 -3.85
N ALA C 74 14.89 -7.39 -2.74
CA ALA C 74 13.41 -7.45 -2.78
C ALA C 74 12.90 -6.23 -3.54
N PHE C 75 11.98 -6.43 -4.48
CA PHE C 75 11.44 -5.36 -5.36
C PHE C 75 10.22 -4.69 -4.75
N GLU C 76 10.28 -3.37 -4.59
CA GLU C 76 9.16 -2.51 -4.14
C GLU C 76 8.69 -1.65 -5.31
N GLY C 77 9.63 -1.06 -6.06
CA GLY C 77 9.28 -0.21 -7.19
C GLY C 77 10.50 0.44 -7.80
N GLU C 78 10.29 1.12 -8.90
CA GLU C 78 11.35 1.77 -9.68
C GLU C 78 12.13 2.76 -8.81
N GLY C 79 11.49 3.31 -7.77
CA GLY C 79 12.11 4.27 -6.83
C GLY C 79 13.37 3.73 -6.17
N GLN C 80 13.57 2.41 -6.16
CA GLN C 80 14.79 1.81 -5.56
C GLN C 80 15.98 1.91 -6.52
N PHE C 81 15.75 2.17 -7.80
CA PHE C 81 16.80 1.97 -8.83
C PHE C 81 18.00 2.91 -8.58
N GLU C 82 17.74 4.16 -8.25
CA GLU C 82 18.81 5.17 -8.10
C GLU C 82 19.78 4.71 -7.00
N LYS C 83 19.25 4.30 -5.85
CA LYS C 83 20.11 3.83 -4.72
C LYS C 83 20.87 2.57 -5.14
N LEU C 84 20.24 1.64 -5.82
CA LEU C 84 20.95 0.43 -6.30
C LEU C 84 22.15 0.83 -7.16
N CYS C 85 21.94 1.71 -8.14
CA CYS C 85 22.99 2.20 -9.06
C CYS C 85 24.09 2.91 -8.25
N GLN C 86 23.72 3.80 -7.36
CA GLN C 86 24.73 4.63 -6.64
C GLN C 86 25.53 3.74 -5.68
N GLU C 87 24.90 2.77 -5.00
CA GLU C 87 25.60 1.89 -4.04
C GLU C 87 26.55 0.95 -4.79
N SER C 88 26.15 0.45 -5.95
CA SER C 88 27.01 -0.43 -6.78
C SER C 88 28.25 0.36 -7.20
N ALA C 89 28.07 1.61 -7.63
CA ALA C 89 29.15 2.48 -8.13
C ALA C 89 30.11 2.75 -6.98
N LYS C 90 29.57 3.15 -5.83
CA LYS C 90 30.39 3.56 -4.67
C LYS C 90 31.21 2.34 -4.22
N GLN C 91 30.59 1.16 -4.28
CA GLN C 91 31.14 -0.09 -3.72
C GLN C 91 32.14 -0.74 -4.68
N ALA C 92 32.12 -0.38 -5.96
CA ALA C 92 33.13 -0.85 -6.95
C ALA C 92 34.49 -0.36 -6.47
N PRO C 93 35.44 -1.27 -6.13
CA PRO C 93 36.63 -0.88 -5.37
C PRO C 93 37.82 -0.29 -6.17
N THR C 94 37.69 -0.10 -7.49
CA THR C 94 38.80 0.30 -8.42
C THR C 94 38.26 1.03 -9.66
N LYS C 95 39.10 1.81 -10.35
CA LYS C 95 38.73 2.44 -11.65
C LYS C 95 38.34 1.36 -12.67
N ALA C 96 39.04 0.21 -12.67
CA ALA C 96 38.80 -0.88 -13.65
C ALA C 96 37.37 -1.39 -13.47
N GLU C 97 36.98 -1.69 -12.23
CA GLU C 97 35.64 -2.25 -11.90
C GLU C 97 34.57 -1.17 -12.11
N LYS C 98 34.85 0.08 -11.75
CA LYS C 98 33.91 1.20 -12.01
C LYS C 98 33.67 1.31 -13.52
N ILE C 99 34.74 1.24 -14.32
CA ILE C 99 34.62 1.28 -15.80
C ILE C 99 33.70 0.14 -16.29
N LYS C 100 33.92 -1.11 -15.85
CA LYS C 100 33.09 -2.27 -16.31
C LYS C 100 31.64 -2.03 -15.89
N LEU C 101 31.44 -1.60 -14.65
CA LEU C 101 30.09 -1.42 -14.06
C LEU C 101 29.33 -0.36 -14.87
N LEU C 102 30.03 0.70 -15.29
CA LEU C 102 29.40 1.95 -15.77
C LEU C 102 29.41 2.05 -17.29
N LYS C 103 29.78 0.98 -17.99
CA LYS C 103 29.78 0.96 -19.47
C LYS C 103 28.37 1.33 -19.93
N PRO C 104 28.23 2.07 -21.04
CA PRO C 104 26.91 2.46 -21.50
C PRO C 104 26.13 1.20 -21.86
N ILE C 105 24.83 1.28 -21.64
CA ILE C 105 23.91 0.19 -22.00
CA ILE C 105 23.85 0.22 -21.95
C ILE C 105 23.17 0.60 -23.29
N SER C 106 23.04 -0.36 -24.20
CA SER C 106 22.47 -0.14 -25.57
C SER C 106 21.08 0.50 -25.48
N GLY C 107 20.65 1.26 -26.50
CA GLY C 107 19.24 1.67 -26.63
C GLY C 107 18.27 0.48 -26.63
N LYS C 108 18.63 -0.62 -27.28
CA LYS C 108 17.79 -1.86 -27.31
C LYS C 108 17.55 -2.31 -25.86
N LEU C 109 18.61 -2.44 -25.07
CA LEU C 109 18.50 -2.96 -23.69
C LEU C 109 17.75 -1.96 -22.84
N ARG C 110 18.03 -0.66 -23.00
CA ARG C 110 17.32 0.40 -22.25
C ARG C 110 15.81 0.23 -22.45
N ALA C 111 15.38 0.08 -23.68
CA ALA C 111 13.95 -0.02 -24.01
C ALA C 111 13.37 -1.28 -23.35
N GLN C 112 14.13 -2.39 -23.40
CA GLN C 112 13.63 -3.67 -22.79
C GLN C 112 13.52 -3.52 -21.28
N TRP C 113 14.48 -2.85 -20.65
CA TRP C 113 14.45 -2.55 -19.18
C TRP C 113 13.22 -1.65 -18.86
N GLU C 114 12.96 -0.62 -19.68
CA GLU C 114 11.80 0.29 -19.46
C GLU C 114 10.50 -0.53 -19.51
N MET C 115 10.43 -1.46 -20.44
N MET C 115 10.37 -1.40 -20.52
CA MET C 115 9.23 -2.30 -20.62
CA MET C 115 9.23 -2.35 -20.63
C MET C 115 9.16 -3.30 -19.42
C MET C 115 9.19 -3.18 -19.34
N GLY C 116 10.31 -3.80 -18.98
CA GLY C 116 10.40 -4.67 -17.79
C GLY C 116 9.91 -3.95 -16.53
N ILE C 117 10.27 -2.67 -16.35
CA ILE C 117 9.86 -1.90 -15.15
C ILE C 117 8.32 -1.74 -15.15
N VAL C 118 7.72 -1.47 -16.30
CA VAL C 118 6.25 -1.31 -16.42
C VAL C 118 5.60 -2.65 -16.07
N GLN C 119 6.16 -3.76 -16.56
CA GLN C 119 5.63 -5.10 -16.20
C GLN C 119 5.74 -5.35 -14.70
N ALA C 120 6.90 -5.04 -14.11
CA ALA C 120 7.16 -5.36 -12.68
C ALA C 120 6.22 -4.54 -11.79
N GLU C 121 5.93 -3.29 -12.14
CA GLU C 121 5.03 -2.43 -11.33
C GLU C 121 3.60 -2.95 -11.47
N GLU C 122 3.22 -3.44 -12.64
CA GLU C 122 1.92 -4.14 -12.82
C GLU C 122 1.92 -5.36 -11.90
N ALA C 123 2.98 -6.16 -11.96
CA ALA C 123 3.10 -7.40 -11.17
C ALA C 123 2.96 -7.06 -9.67
N ALA C 124 3.60 -5.98 -9.22
CA ALA C 124 3.69 -5.63 -7.77
C ALA C 124 2.28 -5.29 -7.26
N SER C 125 1.40 -4.82 -8.12
CA SER C 125 0.06 -4.31 -7.75
C SER C 125 -0.94 -5.45 -7.75
N MET C 126 -0.56 -6.62 -8.23
CA MET C 126 -1.48 -7.77 -8.20
C MET C 126 -0.96 -8.80 -7.19
N SER C 127 -1.80 -9.79 -6.89
CA SER C 127 -1.46 -10.86 -5.92
C SER C 127 -0.36 -11.78 -6.47
N VAL C 128 0.24 -12.56 -5.61
CA VAL C 128 1.28 -13.53 -6.02
C VAL C 128 0.66 -14.50 -7.02
N GLU C 129 -0.51 -15.06 -6.71
CA GLU C 129 -1.14 -16.04 -7.62
C GLU C 129 -1.47 -15.36 -8.96
N GLU C 130 -1.94 -14.11 -8.93
CA GLU C 130 -2.33 -13.36 -10.15
C GLU C 130 -1.09 -13.13 -11.04
N ARG C 131 0.00 -12.67 -10.44
CA ARG C 131 1.21 -12.33 -11.24
C ARG C 131 1.86 -13.63 -11.74
N LYS C 132 1.78 -14.74 -11.00
CA LYS C 132 2.31 -16.02 -11.53
C LYS C 132 1.46 -16.43 -12.75
N ALA C 133 0.14 -16.38 -12.64
CA ALA C 133 -0.77 -16.79 -13.73
C ALA C 133 -0.47 -15.93 -14.99
N LYS C 134 -0.20 -14.63 -14.80
CA LYS C 134 -0.06 -13.68 -15.92
C LYS C 134 1.34 -13.76 -16.52
N PHE C 135 2.39 -13.78 -15.70
CA PHE C 135 3.75 -13.47 -16.20
C PHE C 135 4.61 -14.72 -16.41
N THR C 136 4.25 -15.89 -15.88
CA THR C 136 5.07 -17.10 -16.07
C THR C 136 5.22 -17.38 -17.57
N PHE C 137 6.45 -17.63 -18.01
CA PHE C 137 6.78 -17.95 -19.41
C PHE C 137 6.18 -19.31 -19.80
N LEU C 138 6.02 -19.48 -21.10
CA LEU C 138 5.84 -20.81 -21.74
C LEU C 138 7.20 -21.31 -22.21
N TYR C 139 7.49 -22.57 -21.90
CA TYR C 139 8.65 -23.33 -22.38
C TYR C 139 8.14 -24.46 -23.26
N VAL C 140 9.00 -24.94 -24.15
CA VAL C 140 8.67 -26.00 -25.15
C VAL C 140 9.80 -27.05 -25.17
N GLY C 141 10.56 -27.19 -24.06
CA GLY C 141 11.55 -28.28 -23.93
C GLY C 141 12.90 -27.77 -23.43
O3 V01 D . -17.88 -14.60 19.43
C4 V01 D . -9.88 -8.95 20.84
C5 V01 D . -10.23 -8.06 22.01
C6 V01 D . -9.36 -7.05 22.38
N1 V01 D . -11.83 -5.77 26.28
C7 V01 D . -9.60 -6.25 23.48
C8 V01 D . -10.74 -6.44 24.24
N2 V01 D . -13.39 -3.56 29.41
C9 V01 D . -10.95 -5.43 25.33
C10 V01 D . -12.38 -4.96 27.29
C11 V01 D . -12.25 -3.57 27.32
C12 V01 D . -12.79 -2.92 28.40
N3 V01 D . -12.96 -5.64 28.29
C13 V01 D . -13.43 -4.89 29.29
C14 V01 D . -11.62 -7.46 23.90
C15 V01 D . -11.37 -8.24 22.78
N4 V01 D . -15.64 -14.35 19.75
C20 V01 D . -16.89 -13.87 19.61
C19 V01 D . -17.04 -12.36 19.71
O2 V01 D . -15.96 -11.66 20.32
C21 V01 D . -14.53 -13.55 20.04
C18 V01 D . -14.71 -12.19 20.26
C17 V01 D . -13.64 -11.35 20.53
C22 V01 D . -13.24 -14.08 20.08
C23 V01 D . -12.17 -13.24 20.37
C16 V01 D . -12.36 -11.89 20.60
C V01 D . -11.16 -11.03 20.99
O V01 D . -10.40 -11.40 21.88
N V01 D . -10.99 -9.82 20.41
C1 V01 D . -11.82 -9.33 19.31
C3 V01 D . -12.07 -10.18 18.11
C2 V01 D . -11.13 -9.03 18.04
O1 V01 D . -10.27 -4.39 25.34
O3 V01 E . -3.57 22.42 3.60
C4 V01 E . 4.27 21.53 -2.24
C5 V01 E . 3.83 22.16 -3.54
C6 V01 E . 4.71 22.20 -4.62
N1 V01 E . 1.99 25.14 -7.26
C7 V01 E . 4.38 22.87 -5.79
C8 V01 E . 3.13 23.48 -5.94
N2 V01 E . 0.17 27.32 -10.25
C9 V01 E . 2.73 24.03 -7.28
C10 V01 E . 1.24 25.74 -8.30
C11 V01 E . 1.11 25.22 -9.57
C12 V01 E . 0.56 26.07 -10.52
N3 V01 E . 0.83 26.98 -7.97
C13 V01 E . 0.33 27.70 -8.98
C14 V01 E . 2.25 23.46 -4.85
C15 V01 E . 2.59 22.79 -3.67
N4 V01 E . -1.39 22.66 3.16
C20 V01 E . -2.64 22.31 2.82
C19 V01 E . -2.84 21.76 1.41
O2 V01 E . -1.74 21.81 0.56
C21 V01 E . -0.29 22.60 2.29
C18 V01 E . -0.47 22.12 1.01
C17 V01 E . 0.57 22.01 0.13
C22 V01 E . 0.96 23.03 2.69
C23 V01 E . 2.01 22.99 1.78
C16 V01 E . 1.83 22.48 0.50
C V01 E . 2.98 22.52 -0.46
O V01 E . 3.72 23.52 -0.49
N V01 E . 3.21 21.45 -1.23
C1 V01 E . 2.48 20.19 -1.13
C3 V01 E . 2.40 19.47 0.17
C2 V01 E . 3.32 18.98 -0.90
O1 V01 E . 3.15 23.55 -8.32
UNK UNX F . 9.81 8.53 -2.35
UNK UNX G . 7.99 22.74 8.12
UNK UNX H . 12.27 7.09 -4.08
O3 V01 I . 13.35 -8.11 -22.07
C4 V01 I . 21.80 -11.58 -18.50
C5 V01 I . 21.64 -13.10 -18.45
C6 V01 I . 22.69 -13.91 -17.99
N1 V01 I . 20.27 -17.96 -19.08
C7 V01 I . 22.54 -15.29 -17.95
C8 V01 I . 21.35 -15.90 -18.35
N2 V01 I . 19.04 -21.90 -19.24
C9 V01 I . 21.18 -17.39 -18.25
C10 V01 I . 19.74 -19.26 -19.01
C11 V01 I . 19.97 -20.12 -17.93
C12 V01 I . 19.60 -21.45 -18.12
N3 V01 I . 19.16 -19.68 -20.14
C13 V01 I . 18.85 -20.99 -20.18
C14 V01 I . 20.32 -15.09 -18.78
C15 V01 I . 20.45 -13.71 -18.81
N4 V01 I . 15.55 -8.33 -22.14
C20 V01 I . 14.34 -8.58 -21.62
C19 V01 I . 14.30 -9.48 -20.39
O2 V01 I . 15.46 -10.28 -20.18
C21 V01 I . 16.74 -8.88 -21.65
C18 V01 I . 16.67 -9.81 -20.63
C17 V01 I . 17.82 -10.38 -20.11
C22 V01 I . 17.97 -8.50 -22.16
C23 V01 I . 19.12 -9.06 -21.62
C16 V01 I . 19.05 -10.02 -20.62
C V01 I . 20.30 -10.73 -20.20
O V01 I . 21.04 -11.17 -21.05
N V01 I . 20.58 -10.86 -18.88
C1 V01 I . 19.78 -10.25 -17.78
C3 V01 I . 19.43 -8.81 -17.87
C2 V01 I . 20.35 -9.29 -16.80
O1 V01 I . 21.91 -18.06 -17.52
UNK UNX J . 27.03 -7.19 -21.60
UNK UNX K . 24.57 -2.93 -23.84
UNK UNX L . 16.96 -17.60 -21.04
#